data_6L6V
#
_entry.id   6L6V
#
_entity_poly.entity_id   1
_entity_poly.type   'polypeptide(L)'
_entity_poly.pdbx_seq_one_letter_code
;MAKSNNVYVVNGEEKVSTLAEVAKVLGVSRVSKKDVEEGKYDVVVEEAAVSLADT
;
_entity_poly.pdbx_strand_id   A
#
# COMPACT_ATOMS: atom_id res chain seq x y z
CA MET A 1 6.94 -1.37 1.85
C MET A 1 7.54 -0.04 1.45
N ALA A 2 8.69 0.29 2.04
CA ALA A 2 9.32 1.57 1.81
C ALA A 2 10.15 1.56 0.54
N LYS A 3 9.62 2.16 -0.51
CA LYS A 3 10.31 2.22 -1.78
C LYS A 3 11.03 3.54 -1.95
N SER A 4 11.66 3.74 -3.11
CA SER A 4 12.37 4.98 -3.41
C SER A 4 11.42 6.16 -3.31
N ASN A 5 10.35 6.14 -4.10
CA ASN A 5 9.32 7.17 -4.01
C ASN A 5 7.96 6.58 -4.38
N ASN A 6 7.87 5.25 -4.38
CA ASN A 6 6.60 4.58 -4.63
C ASN A 6 5.78 4.61 -3.34
N VAL A 7 4.62 5.23 -3.42
CA VAL A 7 3.79 5.48 -2.25
C VAL A 7 2.45 4.77 -2.41
N TYR A 8 1.79 4.54 -1.30
CA TYR A 8 0.50 3.86 -1.31
C TYR A 8 -0.56 4.76 -0.71
N VAL A 9 -1.79 4.31 -0.78
CA VAL A 9 -2.91 5.00 -0.16
C VAL A 9 -3.54 4.07 0.87
N VAL A 10 -3.71 4.56 2.09
CA VAL A 10 -4.30 3.76 3.15
C VAL A 10 -5.78 3.49 2.86
N ASN A 11 -6.01 2.49 2.01
CA ASN A 11 -7.34 2.05 1.63
C ASN A 11 -8.23 3.24 1.23
N GLY A 12 -7.66 4.17 0.48
CA GLY A 12 -8.42 5.30 -0.03
C GLY A 12 -8.40 6.50 0.90
N GLU A 13 -7.44 6.55 1.81
CA GLU A 13 -7.30 7.68 2.72
C GLU A 13 -5.95 8.38 2.57
N GLU A 14 -5.12 8.27 3.59
CA GLU A 14 -3.82 8.91 3.62
C GLU A 14 -2.84 8.23 2.66
N LYS A 15 -1.75 8.93 2.32
CA LYS A 15 -0.68 8.35 1.52
C LYS A 15 0.56 8.12 2.38
N VAL A 16 1.03 6.88 2.38
CA VAL A 16 2.26 6.55 3.08
C VAL A 16 3.16 5.73 2.14
N SER A 17 4.46 5.83 2.32
CA SER A 17 5.40 5.07 1.51
C SER A 17 5.73 3.70 2.13
N THR A 18 4.78 3.11 2.87
CA THR A 18 5.00 1.79 3.46
C THR A 18 3.67 1.08 3.76
N LEU A 19 3.58 -0.19 3.39
CA LEU A 19 2.33 -0.95 3.45
C LEU A 19 1.81 -1.15 4.87
N ALA A 20 2.67 -0.89 5.85
CA ALA A 20 2.24 -0.92 7.25
C ALA A 20 1.03 0.00 7.46
N GLU A 21 0.93 1.01 6.62
CA GLU A 21 -0.20 1.93 6.62
C GLU A 21 -1.52 1.18 6.43
N VAL A 22 -1.58 0.34 5.40
CA VAL A 22 -2.82 -0.35 5.06
C VAL A 22 -3.13 -1.41 6.09
N ALA A 23 -2.08 -1.99 6.68
CA ALA A 23 -2.22 -3.02 7.69
C ALA A 23 -3.13 -2.57 8.82
N LYS A 24 -3.15 -1.26 9.07
CA LYS A 24 -4.02 -0.68 10.09
C LYS A 24 -5.48 -0.89 9.72
N VAL A 25 -5.84 -0.54 8.49
CA VAL A 25 -7.21 -0.66 8.01
C VAL A 25 -7.58 -2.12 7.76
N LEU A 26 -6.61 -2.89 7.29
CA LEU A 26 -6.85 -4.29 6.96
C LEU A 26 -6.95 -5.16 8.21
N GLY A 27 -6.75 -4.54 9.37
CA GLY A 27 -6.88 -5.24 10.64
C GLY A 27 -5.88 -6.37 10.77
N VAL A 28 -4.71 -6.15 10.20
CA VAL A 28 -3.67 -7.17 10.17
C VAL A 28 -2.42 -6.63 10.88
N SER A 29 -1.42 -7.45 11.09
CA SER A 29 -0.29 -7.04 11.92
C SER A 29 0.71 -6.20 11.15
N ARG A 30 1.33 -6.80 10.13
CA ARG A 30 2.38 -6.13 9.39
C ARG A 30 2.34 -6.47 7.91
N VAL A 31 1.17 -6.39 7.31
CA VAL A 31 1.03 -6.69 5.90
C VAL A 31 1.92 -5.75 5.10
N SER A 32 2.81 -6.35 4.33
CA SER A 32 3.85 -5.62 3.65
C SER A 32 4.00 -6.11 2.21
N LYS A 33 5.22 -6.18 1.69
CA LYS A 33 5.46 -6.39 0.26
C LYS A 33 4.77 -7.64 -0.28
N LYS A 34 4.43 -8.58 0.60
CA LYS A 34 3.73 -9.78 0.19
C LYS A 34 2.36 -9.42 -0.38
N ASP A 35 1.77 -8.35 0.11
CA ASP A 35 0.50 -7.87 -0.42
C ASP A 35 0.66 -7.47 -1.88
N VAL A 36 1.76 -6.81 -2.20
CA VAL A 36 2.03 -6.37 -3.55
C VAL A 36 2.38 -7.55 -4.45
N GLU A 37 3.19 -8.46 -3.94
CA GLU A 37 3.69 -9.58 -4.74
C GLU A 37 2.66 -10.71 -4.84
N GLU A 38 1.93 -10.96 -3.77
CA GLU A 38 0.95 -12.05 -3.74
C GLU A 38 -0.44 -11.53 -4.13
N GLY A 39 -0.64 -10.23 -3.98
CA GLY A 39 -1.90 -9.62 -4.35
C GLY A 39 -2.96 -9.81 -3.27
N LYS A 40 -2.58 -9.57 -2.02
CA LYS A 40 -3.47 -9.80 -0.89
C LYS A 40 -4.74 -8.96 -0.98
N TYR A 41 -4.57 -7.66 -0.88
CA TYR A 41 -5.70 -6.74 -0.87
C TYR A 41 -5.60 -5.77 -2.03
N ASP A 42 -6.59 -4.92 -2.18
CA ASP A 42 -6.59 -3.94 -3.26
C ASP A 42 -5.89 -2.67 -2.82
N VAL A 43 -4.58 -2.74 -2.72
CA VAL A 43 -3.77 -1.57 -2.41
C VAL A 43 -3.17 -1.02 -3.68
N VAL A 44 -3.05 0.30 -3.77
CA VAL A 44 -2.55 0.96 -4.95
C VAL A 44 -1.11 1.43 -4.74
N VAL A 45 -0.24 1.09 -5.68
CA VAL A 45 1.15 1.54 -5.64
C VAL A 45 1.45 2.50 -6.79
N GLU A 46 1.82 3.73 -6.45
CA GLU A 46 2.25 4.70 -7.45
C GLU A 46 3.19 5.71 -6.81
N GLU A 47 4.12 6.23 -7.60
CA GLU A 47 5.06 7.23 -7.13
C GLU A 47 4.33 8.52 -6.73
N ALA A 48 4.26 8.74 -5.41
CA ALA A 48 3.67 9.95 -4.82
C ALA A 48 2.13 9.95 -4.89
N ALA A 49 1.58 10.21 -6.06
CA ALA A 49 0.13 10.33 -6.21
C ALA A 49 -0.47 9.00 -6.66
N VAL A 50 -1.23 8.37 -5.78
CA VAL A 50 -1.78 7.04 -6.06
C VAL A 50 -3.30 7.08 -6.19
N SER A 51 -3.94 5.93 -5.91
CA SER A 51 -5.39 5.78 -5.95
C SER A 51 -5.91 5.78 -7.39
N LEU A 52 -5.01 5.56 -8.35
CA LEU A 52 -5.40 5.50 -9.75
C LEU A 52 -4.25 4.94 -10.59
N ALA A 53 -3.76 3.76 -10.20
CA ALA A 53 -2.64 3.13 -10.89
C ALA A 53 -2.49 1.67 -10.49
N ASP A 54 -1.96 1.44 -9.28
CA ASP A 54 -1.61 0.10 -8.81
C ASP A 54 -0.64 -0.56 -9.79
N THR A 55 0.62 -0.16 -9.71
CA THR A 55 1.65 -0.71 -10.56
C THR A 55 2.09 -2.08 -10.06
CA MET A 1 6.87 -1.49 0.86
C MET A 1 7.31 -0.27 0.06
N ALA A 2 8.25 0.49 0.59
CA ALA A 2 8.80 1.63 -0.12
C ALA A 2 9.72 1.13 -1.23
N LYS A 3 9.11 0.71 -2.33
CA LYS A 3 9.84 0.16 -3.46
C LYS A 3 10.37 1.28 -4.33
N SER A 4 11.58 1.75 -4.01
CA SER A 4 12.23 2.84 -4.72
C SER A 4 11.47 4.15 -4.54
N ASN A 5 10.35 4.30 -5.24
CA ASN A 5 9.55 5.50 -5.16
C ASN A 5 8.06 5.17 -5.07
N ASN A 6 7.75 3.89 -4.90
CA ASN A 6 6.37 3.46 -4.78
C ASN A 6 5.79 3.86 -3.43
N VAL A 7 4.72 4.64 -3.49
CA VAL A 7 4.01 5.06 -2.29
C VAL A 7 2.61 4.47 -2.35
N TYR A 8 1.87 4.57 -1.25
CA TYR A 8 0.53 4.00 -1.22
C TYR A 8 -0.45 5.02 -0.63
N VAL A 9 -1.72 4.64 -0.67
CA VAL A 9 -2.77 5.38 0.00
C VAL A 9 -3.52 4.40 0.89
N VAL A 10 -3.72 4.73 2.16
CA VAL A 10 -4.44 3.86 3.08
C VAL A 10 -5.92 3.79 2.72
N ASN A 11 -6.22 2.93 1.75
CA ASN A 11 -7.60 2.69 1.29
C ASN A 11 -8.32 4.01 0.99
N GLY A 12 -7.60 4.96 0.40
CA GLY A 12 -8.19 6.21 -0.01
C GLY A 12 -8.10 7.30 1.05
N GLU A 13 -7.68 6.93 2.25
CA GLU A 13 -7.64 7.86 3.37
C GLU A 13 -6.22 8.39 3.60
N GLU A 14 -5.59 7.97 4.70
CA GLU A 14 -4.26 8.44 5.06
C GLU A 14 -3.24 8.00 4.03
N LYS A 15 -2.13 8.71 3.93
CA LYS A 15 -1.13 8.38 2.92
C LYS A 15 0.26 8.19 3.54
N VAL A 16 0.91 7.10 3.17
CA VAL A 16 2.28 6.80 3.61
C VAL A 16 3.01 6.15 2.42
N SER A 17 4.21 5.62 2.65
CA SER A 17 4.95 4.97 1.59
C SER A 17 5.36 3.55 1.98
N THR A 18 4.56 2.90 2.82
CA THR A 18 4.84 1.54 3.26
C THR A 18 3.55 0.86 3.71
N LEU A 19 3.37 -0.40 3.31
CA LEU A 19 2.08 -1.09 3.44
C LEU A 19 1.66 -1.29 4.90
N ALA A 20 2.57 -1.10 5.84
CA ALA A 20 2.21 -1.09 7.25
C ALA A 20 1.07 -0.11 7.50
N GLU A 21 1.00 0.92 6.64
CA GLU A 21 -0.07 1.91 6.69
C GLU A 21 -1.44 1.26 6.45
N VAL A 22 -1.54 0.43 5.41
CA VAL A 22 -2.79 -0.21 5.06
C VAL A 22 -3.13 -1.30 6.06
N ALA A 23 -2.09 -1.92 6.62
CA ALA A 23 -2.26 -2.98 7.61
C ALA A 23 -3.16 -2.54 8.76
N LYS A 24 -3.15 -1.24 9.04
CA LYS A 24 -4.02 -0.66 10.07
C LYS A 24 -5.49 -0.91 9.73
N VAL A 25 -5.87 -0.62 8.49
CA VAL A 25 -7.25 -0.76 8.05
C VAL A 25 -7.57 -2.23 7.74
N LEU A 26 -6.58 -2.96 7.22
CA LEU A 26 -6.79 -4.36 6.87
C LEU A 26 -6.84 -5.26 8.10
N GLY A 27 -6.81 -4.64 9.28
CA GLY A 27 -6.94 -5.37 10.53
C GLY A 27 -5.87 -6.42 10.70
N VAL A 28 -4.68 -6.11 10.21
CA VAL A 28 -3.59 -7.05 10.22
C VAL A 28 -2.36 -6.42 10.87
N SER A 29 -1.32 -7.18 11.12
CA SER A 29 -0.22 -6.68 11.91
C SER A 29 0.81 -5.93 11.06
N ARG A 30 1.41 -6.62 10.10
CA ARG A 30 2.49 -6.06 9.31
C ARG A 30 2.42 -6.51 7.86
N VAL A 31 1.24 -6.44 7.28
CA VAL A 31 1.10 -6.75 5.86
C VAL A 31 1.93 -5.78 5.04
N SER A 32 2.84 -6.33 4.26
CA SER A 32 3.83 -5.55 3.55
C SER A 32 4.02 -6.05 2.12
N LYS A 33 5.27 -6.13 1.67
CA LYS A 33 5.58 -6.46 0.28
C LYS A 33 4.91 -7.74 -0.20
N LYS A 34 4.58 -8.63 0.73
CA LYS A 34 3.90 -9.87 0.38
C LYS A 34 2.54 -9.60 -0.23
N ASP A 35 1.91 -8.50 0.20
CA ASP A 35 0.64 -8.07 -0.37
C ASP A 35 0.81 -7.69 -1.83
N VAL A 36 1.86 -6.93 -2.11
CA VAL A 36 2.16 -6.50 -3.46
C VAL A 36 2.48 -7.69 -4.37
N GLU A 37 3.32 -8.58 -3.88
CA GLU A 37 3.79 -9.69 -4.70
C GLU A 37 2.73 -10.80 -4.87
N GLU A 38 1.88 -10.98 -3.86
CA GLU A 38 0.87 -12.03 -3.93
C GLU A 38 -0.49 -11.50 -4.36
N GLY A 39 -0.71 -10.20 -4.14
CA GLY A 39 -1.98 -9.60 -4.49
C GLY A 39 -3.02 -9.80 -3.42
N LYS A 40 -2.64 -9.55 -2.16
CA LYS A 40 -3.51 -9.81 -1.02
C LYS A 40 -4.76 -8.94 -1.05
N TYR A 41 -4.59 -7.63 -0.92
CA TYR A 41 -5.72 -6.73 -0.78
C TYR A 41 -5.74 -5.68 -1.88
N ASP A 42 -6.79 -4.88 -1.88
CA ASP A 42 -6.93 -3.81 -2.85
C ASP A 42 -6.19 -2.57 -2.37
N VAL A 43 -4.93 -2.48 -2.72
CA VAL A 43 -4.12 -1.32 -2.39
C VAL A 43 -3.70 -0.61 -3.67
N VAL A 44 -3.50 0.69 -3.59
CA VAL A 44 -3.10 1.46 -4.75
C VAL A 44 -1.62 1.80 -4.67
N VAL A 45 -0.86 1.35 -5.67
CA VAL A 45 0.58 1.56 -5.68
C VAL A 45 0.99 2.43 -6.86
N GLU A 46 1.64 3.54 -6.56
CA GLU A 46 2.16 4.43 -7.59
C GLU A 46 3.35 5.18 -7.03
N GLU A 47 4.30 5.54 -7.90
CA GLU A 47 5.46 6.33 -7.50
C GLU A 47 5.03 7.74 -7.09
N ALA A 48 4.43 7.83 -5.91
CA ALA A 48 3.93 9.07 -5.33
C ALA A 48 2.70 9.57 -6.08
N ALA A 49 1.71 10.05 -5.31
CA ALA A 49 0.42 10.49 -5.85
C ALA A 49 -0.32 9.32 -6.49
N VAL A 50 -0.93 8.48 -5.66
CA VAL A 50 -1.62 7.30 -6.15
C VAL A 50 -3.12 7.56 -6.26
N SER A 51 -3.92 6.56 -5.88
CA SER A 51 -5.38 6.60 -6.00
C SER A 51 -5.79 6.67 -7.48
N LEU A 52 -4.81 6.50 -8.35
CA LEU A 52 -5.02 6.56 -9.80
C LEU A 52 -4.12 5.53 -10.47
N ALA A 53 -4.23 4.29 -10.03
CA ALA A 53 -3.39 3.20 -10.53
C ALA A 53 -3.96 1.85 -10.14
N ASP A 54 -3.94 1.57 -8.84
CA ASP A 54 -4.38 0.28 -8.27
C ASP A 54 -3.46 -0.85 -8.72
N THR A 55 -2.85 -1.52 -7.75
CA THR A 55 -1.95 -2.64 -8.01
C THR A 55 -0.74 -2.17 -8.83
CA MET A 1 6.96 -1.34 1.10
C MET A 1 7.42 -0.20 0.20
N ALA A 2 8.22 0.70 0.75
CA ALA A 2 8.74 1.82 -0.03
C ALA A 2 9.82 1.35 -0.99
N LYS A 3 9.39 0.88 -2.15
CA LYS A 3 10.30 0.42 -3.19
C LYS A 3 11.00 1.61 -3.83
N SER A 4 12.15 1.98 -3.28
CA SER A 4 12.91 3.16 -3.73
C SER A 4 12.15 4.44 -3.40
N ASN A 5 11.04 4.66 -4.11
CA ASN A 5 10.21 5.83 -3.87
C ASN A 5 8.74 5.51 -4.11
N ASN A 6 8.43 4.21 -4.16
CA ASN A 6 7.05 3.76 -4.28
C ASN A 6 6.26 4.14 -3.04
N VAL A 7 5.00 4.45 -3.26
CA VAL A 7 4.15 4.97 -2.22
C VAL A 7 2.77 4.32 -2.33
N TYR A 8 1.93 4.47 -1.32
CA TYR A 8 0.62 3.85 -1.31
C TYR A 8 -0.45 4.83 -0.82
N VAL A 9 -1.70 4.44 -0.99
CA VAL A 9 -2.80 5.14 -0.35
C VAL A 9 -3.45 4.16 0.64
N VAL A 10 -3.71 4.60 1.85
CA VAL A 10 -4.33 3.73 2.84
C VAL A 10 -5.80 3.48 2.50
N ASN A 11 -6.04 2.56 1.58
CA ASN A 11 -7.40 2.18 1.19
C ASN A 11 -8.24 3.41 0.84
N GLY A 12 -7.62 4.40 0.21
CA GLY A 12 -8.34 5.59 -0.22
C GLY A 12 -8.42 6.65 0.87
N GLU A 13 -7.63 6.49 1.93
CA GLU A 13 -7.65 7.43 3.03
C GLU A 13 -6.33 8.23 3.08
N GLU A 14 -5.54 8.00 4.12
CA GLU A 14 -4.25 8.68 4.27
C GLU A 14 -3.27 8.15 3.22
N LYS A 15 -2.17 8.84 3.00
CA LYS A 15 -1.20 8.40 2.02
C LYS A 15 0.19 8.28 2.63
N VAL A 16 0.70 7.05 2.69
CA VAL A 16 2.02 6.78 3.22
C VAL A 16 2.80 5.98 2.16
N SER A 17 4.08 5.75 2.38
CA SER A 17 4.87 4.99 1.44
C SER A 17 5.23 3.60 1.98
N THR A 18 4.38 3.03 2.83
CA THR A 18 4.65 1.70 3.36
C THR A 18 3.34 0.99 3.73
N LEU A 19 3.22 -0.27 3.31
CA LEU A 19 1.96 -1.01 3.38
C LEU A 19 1.48 -1.22 4.80
N ALA A 20 2.36 -0.99 5.77
CA ALA A 20 1.96 -1.01 7.19
C ALA A 20 0.81 -0.05 7.44
N GLU A 21 0.75 1.02 6.62
CA GLU A 21 -0.35 1.96 6.65
C GLU A 21 -1.67 1.24 6.37
N VAL A 22 -1.63 0.39 5.35
CA VAL A 22 -2.77 -0.39 4.91
C VAL A 22 -3.08 -1.47 5.93
N ALA A 23 -2.02 -2.10 6.43
CA ALA A 23 -2.13 -3.16 7.43
C ALA A 23 -2.92 -2.69 8.65
N LYS A 24 -2.77 -1.41 8.98
CA LYS A 24 -3.46 -0.83 10.13
C LYS A 24 -4.97 -0.88 9.91
N VAL A 25 -5.42 -0.47 8.73
CA VAL A 25 -6.85 -0.46 8.42
C VAL A 25 -7.37 -1.88 8.22
N LEU A 26 -6.54 -2.75 7.68
CA LEU A 26 -6.93 -4.14 7.45
C LEU A 26 -7.01 -4.92 8.75
N GLY A 27 -6.52 -4.32 9.83
CA GLY A 27 -6.53 -4.98 11.12
C GLY A 27 -5.60 -6.17 11.15
N VAL A 28 -4.67 -6.18 10.22
CA VAL A 28 -3.73 -7.26 10.09
C VAL A 28 -2.40 -6.86 10.74
N SER A 29 -1.50 -7.80 10.95
CA SER A 29 -0.34 -7.52 11.77
C SER A 29 0.67 -6.64 11.05
N ARG A 30 1.23 -7.16 9.97
CA ARG A 30 2.28 -6.45 9.26
C ARG A 30 2.21 -6.66 7.76
N VAL A 31 1.02 -6.55 7.18
CA VAL A 31 0.91 -6.69 5.74
C VAL A 31 1.76 -5.64 5.04
N SER A 32 2.77 -6.11 4.34
CA SER A 32 3.73 -5.25 3.68
C SER A 32 3.99 -5.75 2.25
N LYS A 33 5.26 -5.88 1.89
CA LYS A 33 5.64 -6.27 0.52
C LYS A 33 5.00 -7.59 0.10
N LYS A 34 4.54 -8.36 1.09
CA LYS A 34 3.89 -9.64 0.82
C LYS A 34 2.58 -9.42 0.05
N ASP A 35 1.95 -8.28 0.29
CA ASP A 35 0.75 -7.91 -0.47
C ASP A 35 1.10 -7.67 -1.93
N VAL A 36 2.25 -7.05 -2.15
CA VAL A 36 2.75 -6.82 -3.50
C VAL A 36 3.11 -8.15 -4.15
N GLU A 37 3.53 -9.10 -3.31
CA GLU A 37 3.88 -10.44 -3.79
C GLU A 37 2.62 -11.22 -4.20
N GLU A 38 1.67 -11.32 -3.28
CA GLU A 38 0.52 -12.22 -3.50
C GLU A 38 -0.67 -11.52 -4.14
N GLY A 39 -0.75 -10.21 -4.00
CA GLY A 39 -1.94 -9.51 -4.42
C GLY A 39 -3.04 -9.64 -3.39
N LYS A 40 -2.68 -9.44 -2.13
CA LYS A 40 -3.59 -9.66 -1.01
C LYS A 40 -4.82 -8.77 -1.10
N TYR A 41 -4.59 -7.46 -1.08
CA TYR A 41 -5.68 -6.50 -1.06
C TYR A 41 -5.59 -5.57 -2.26
N ASP A 42 -6.56 -4.69 -2.41
CA ASP A 42 -6.57 -3.75 -3.53
C ASP A 42 -5.90 -2.45 -3.14
N VAL A 43 -4.58 -2.49 -3.06
CA VAL A 43 -3.80 -1.31 -2.74
C VAL A 43 -3.16 -0.78 -4.02
N VAL A 44 -2.91 0.52 -4.06
CA VAL A 44 -2.37 1.14 -5.27
C VAL A 44 -0.88 1.44 -5.12
N VAL A 45 -0.05 0.66 -5.80
CA VAL A 45 1.39 0.86 -5.76
C VAL A 45 1.86 1.59 -7.01
N GLU A 46 2.48 2.73 -6.83
CA GLU A 46 2.98 3.51 -7.96
C GLU A 46 4.20 4.31 -7.53
N GLU A 47 5.10 4.54 -8.47
CA GLU A 47 6.34 5.27 -8.22
C GLU A 47 6.05 6.74 -7.92
N ALA A 48 5.67 7.01 -6.66
CA ALA A 48 5.30 8.35 -6.18
C ALA A 48 3.97 8.81 -6.76
N ALA A 49 3.16 9.45 -5.91
CA ALA A 49 1.83 9.94 -6.29
C ALA A 49 0.91 8.80 -6.71
N VAL A 50 0.29 8.16 -5.73
CA VAL A 50 -0.59 7.02 -6.00
C VAL A 50 -2.05 7.40 -5.83
N SER A 51 -2.94 6.63 -6.43
CA SER A 51 -4.36 6.87 -6.27
C SER A 51 -5.21 5.71 -6.81
N LEU A 52 -4.94 5.30 -8.05
CA LEU A 52 -5.80 4.33 -8.73
C LEU A 52 -5.18 3.90 -10.05
N ALA A 53 -4.32 2.90 -9.97
CA ALA A 53 -3.69 2.32 -11.14
C ALA A 53 -3.00 1.03 -10.74
N ASP A 54 -2.27 1.10 -9.64
CA ASP A 54 -1.61 -0.04 -9.01
C ASP A 54 -0.73 -0.83 -9.98
N THR A 55 0.55 -0.50 -10.00
CA THR A 55 1.57 -1.28 -10.71
C THR A 55 1.19 -1.50 -12.18
CA MET A 1 6.94 -1.32 0.50
C MET A 1 7.21 -0.11 -0.39
N ALA A 2 8.13 0.75 0.06
CA ALA A 2 8.54 1.91 -0.73
C ALA A 2 9.46 1.46 -1.87
N LYS A 3 8.86 0.87 -2.89
CA LYS A 3 9.62 0.34 -4.02
C LYS A 3 10.12 1.50 -4.89
N SER A 4 11.38 1.88 -4.66
CA SER A 4 11.98 3.04 -5.32
C SER A 4 11.32 4.34 -4.85
N ASN A 5 10.14 4.62 -5.37
CA ASN A 5 9.38 5.80 -4.94
C ASN A 5 7.89 5.50 -4.94
N ASN A 6 7.56 4.21 -4.92
CA ASN A 6 6.18 3.77 -4.93
C ASN A 6 5.54 3.99 -3.57
N VAL A 7 4.42 4.68 -3.58
CA VAL A 7 3.71 5.07 -2.38
C VAL A 7 2.31 4.48 -2.40
N TYR A 8 1.66 4.45 -1.25
CA TYR A 8 0.35 3.86 -1.16
C TYR A 8 -0.66 4.83 -0.56
N VAL A 9 -1.91 4.40 -0.55
CA VAL A 9 -2.98 5.12 0.09
C VAL A 9 -3.73 4.17 1.01
N VAL A 10 -3.85 4.51 2.28
CA VAL A 10 -4.54 3.67 3.25
C VAL A 10 -6.04 3.62 2.94
N ASN A 11 -6.40 2.77 1.99
CA ASN A 11 -7.80 2.57 1.59
C ASN A 11 -8.51 3.92 1.38
N GLY A 12 -7.85 4.83 0.67
CA GLY A 12 -8.47 6.11 0.35
C GLY A 12 -8.19 7.18 1.39
N GLU A 13 -7.54 6.79 2.48
CA GLU A 13 -7.27 7.72 3.57
C GLU A 13 -5.91 8.42 3.37
N GLU A 14 -4.93 8.08 4.21
CA GLU A 14 -3.64 8.76 4.24
C GLU A 14 -2.67 8.16 3.22
N LYS A 15 -1.68 8.94 2.82
CA LYS A 15 -0.62 8.45 1.93
C LYS A 15 0.64 8.14 2.73
N VAL A 16 1.09 6.90 2.63
CA VAL A 16 2.35 6.48 3.20
C VAL A 16 3.13 5.70 2.16
N SER A 17 4.44 5.59 2.29
CA SER A 17 5.24 4.85 1.36
C SER A 17 5.56 3.45 1.89
N THR A 18 4.69 2.89 2.71
CA THR A 18 4.91 1.56 3.25
C THR A 18 3.59 0.90 3.62
N LEU A 19 3.45 -0.36 3.22
CA LEU A 19 2.17 -1.07 3.29
C LEU A 19 1.71 -1.29 4.73
N ALA A 20 2.62 -1.11 5.69
CA ALA A 20 2.26 -1.16 7.09
C ALA A 20 1.10 -0.19 7.38
N GLU A 21 1.03 0.85 6.57
CA GLU A 21 -0.06 1.82 6.65
C GLU A 21 -1.42 1.13 6.47
N VAL A 22 -1.52 0.27 5.45
CA VAL A 22 -2.77 -0.39 5.13
C VAL A 22 -3.09 -1.44 6.19
N ALA A 23 -2.05 -2.00 6.78
CA ALA A 23 -2.21 -2.99 7.84
C ALA A 23 -3.14 -2.47 8.94
N LYS A 24 -3.13 -1.17 9.13
CA LYS A 24 -3.98 -0.51 10.12
C LYS A 24 -5.46 -0.58 9.71
N VAL A 25 -5.73 -0.39 8.41
CA VAL A 25 -7.10 -0.41 7.93
C VAL A 25 -7.56 -1.85 7.68
N LEU A 26 -6.61 -2.71 7.32
CA LEU A 26 -6.90 -4.13 7.12
C LEU A 26 -7.10 -4.85 8.45
N GLY A 27 -6.61 -4.24 9.52
CA GLY A 27 -6.69 -4.85 10.84
C GLY A 27 -5.75 -6.04 10.95
N VAL A 28 -4.68 -6.00 10.16
CA VAL A 28 -3.73 -7.09 10.10
C VAL A 28 -2.42 -6.66 10.77
N SER A 29 -1.49 -7.57 10.98
CA SER A 29 -0.32 -7.26 11.80
C SER A 29 0.72 -6.44 11.04
N ARG A 30 1.28 -7.01 9.99
CA ARG A 30 2.36 -6.37 9.25
C ARG A 30 2.28 -6.63 7.76
N VAL A 31 1.09 -6.49 7.19
CA VAL A 31 0.93 -6.65 5.75
C VAL A 31 1.76 -5.61 5.01
N SER A 32 2.73 -6.10 4.26
CA SER A 32 3.68 -5.25 3.58
C SER A 32 4.00 -5.82 2.20
N LYS A 33 5.28 -5.95 1.87
CA LYS A 33 5.72 -6.39 0.54
C LYS A 33 4.97 -7.63 0.05
N LYS A 34 4.58 -8.48 0.99
CA LYS A 34 3.88 -9.72 0.67
C LYS A 34 2.56 -9.44 -0.06
N ASP A 35 1.94 -8.31 0.26
CA ASP A 35 0.70 -7.90 -0.40
C ASP A 35 0.95 -7.56 -1.86
N VAL A 36 2.04 -6.85 -2.13
CA VAL A 36 2.42 -6.52 -3.50
C VAL A 36 2.77 -7.78 -4.27
N GLU A 37 3.50 -8.67 -3.60
CA GLU A 37 3.97 -9.90 -4.24
C GLU A 37 2.81 -10.81 -4.61
N GLU A 38 1.92 -11.08 -3.66
CA GLU A 38 0.86 -12.07 -3.88
C GLU A 38 -0.47 -11.44 -4.28
N GLY A 39 -0.53 -10.11 -4.24
CA GLY A 39 -1.75 -9.40 -4.59
C GLY A 39 -2.85 -9.63 -3.56
N LYS A 40 -2.48 -9.50 -2.28
CA LYS A 40 -3.37 -9.83 -1.18
C LYS A 40 -4.66 -9.00 -1.21
N TYR A 41 -4.52 -7.70 -1.01
CA TYR A 41 -5.66 -6.81 -0.88
C TYR A 41 -5.68 -5.77 -1.99
N ASP A 42 -6.67 -4.90 -1.93
CA ASP A 42 -6.84 -3.87 -2.95
C ASP A 42 -6.18 -2.58 -2.51
N VAL A 43 -4.86 -2.58 -2.53
CA VAL A 43 -4.10 -1.40 -2.20
C VAL A 43 -3.61 -0.74 -3.49
N VAL A 44 -3.42 0.56 -3.46
CA VAL A 44 -3.04 1.30 -4.66
C VAL A 44 -1.56 1.68 -4.63
N VAL A 45 -0.82 1.18 -5.61
CA VAL A 45 0.62 1.39 -5.69
C VAL A 45 0.98 2.22 -6.92
N GLU A 46 1.61 3.37 -6.70
CA GLU A 46 2.15 4.17 -7.80
C GLU A 46 3.30 5.03 -7.29
N GLU A 47 4.23 5.32 -8.18
CA GLU A 47 5.36 6.19 -7.85
C GLU A 47 4.87 7.60 -7.57
N ALA A 48 4.61 7.88 -6.29
CA ALA A 48 4.16 9.19 -5.82
C ALA A 48 2.75 9.55 -6.31
N ALA A 49 1.84 9.75 -5.34
CA ALA A 49 0.44 10.11 -5.61
C ALA A 49 -0.30 8.99 -6.33
N VAL A 50 -1.19 8.31 -5.62
CA VAL A 50 -1.92 7.20 -6.22
C VAL A 50 -3.44 7.39 -6.10
N SER A 51 -4.04 6.73 -5.10
CA SER A 51 -5.49 6.69 -4.90
C SER A 51 -6.21 5.91 -6.01
N LEU A 52 -5.61 5.86 -7.20
CA LEU A 52 -6.24 5.25 -8.37
C LEU A 52 -5.16 4.85 -9.38
N ALA A 53 -4.81 3.58 -9.36
CA ALA A 53 -3.76 3.02 -10.22
C ALA A 53 -3.58 1.55 -9.86
N ASP A 54 -3.74 1.30 -8.56
CA ASP A 54 -3.78 -0.04 -8.00
C ASP A 54 -2.40 -0.69 -7.92
N THR A 55 -1.77 -0.92 -9.05
CA THR A 55 -0.49 -1.63 -9.08
C THR A 55 0.31 -1.24 -10.33
CA MET A 1 6.94 -1.32 0.50
C MET A 1 7.21 -0.11 -0.39
N ALA A 2 8.13 0.75 0.06
CA ALA A 2 8.54 1.91 -0.73
C ALA A 2 9.46 1.46 -1.87
N LYS A 3 8.86 0.87 -2.89
CA LYS A 3 9.62 0.34 -4.02
C LYS A 3 10.12 1.50 -4.89
N SER A 4 11.38 1.88 -4.66
CA SER A 4 11.98 3.04 -5.32
C SER A 4 11.32 4.34 -4.85
N ASN A 5 10.14 4.62 -5.37
CA ASN A 5 9.38 5.80 -4.94
C ASN A 5 7.89 5.50 -4.94
N ASN A 6 7.56 4.21 -4.92
CA ASN A 6 6.18 3.77 -4.93
C ASN A 6 5.54 3.99 -3.57
N VAL A 7 4.42 4.68 -3.58
CA VAL A 7 3.71 5.07 -2.38
C VAL A 7 2.31 4.48 -2.40
N TYR A 8 1.66 4.45 -1.25
CA TYR A 8 0.35 3.86 -1.16
C TYR A 8 -0.66 4.83 -0.56
N VAL A 9 -1.91 4.40 -0.55
CA VAL A 9 -2.98 5.12 0.09
C VAL A 9 -3.73 4.17 1.01
N VAL A 10 -3.85 4.51 2.28
CA VAL A 10 -4.54 3.67 3.25
C VAL A 10 -6.04 3.62 2.94
N ASN A 11 -6.40 2.77 1.99
CA ASN A 11 -7.80 2.57 1.59
C ASN A 11 -8.51 3.92 1.38
N GLY A 12 -7.85 4.83 0.67
CA GLY A 12 -8.47 6.11 0.35
C GLY A 12 -8.19 7.18 1.39
N GLU A 13 -7.54 6.79 2.48
CA GLU A 13 -7.27 7.72 3.57
C GLU A 13 -5.91 8.42 3.37
N GLU A 14 -4.93 8.08 4.21
CA GLU A 14 -3.64 8.76 4.24
C GLU A 14 -2.67 8.16 3.22
N LYS A 15 -1.68 8.94 2.82
CA LYS A 15 -0.62 8.45 1.93
C LYS A 15 0.64 8.14 2.73
N VAL A 16 1.09 6.90 2.63
CA VAL A 16 2.35 6.48 3.20
C VAL A 16 3.13 5.70 2.16
N SER A 17 4.44 5.59 2.29
CA SER A 17 5.24 4.85 1.36
C SER A 17 5.56 3.45 1.89
N THR A 18 4.69 2.89 2.71
CA THR A 18 4.91 1.56 3.25
C THR A 18 3.59 0.90 3.62
N LEU A 19 3.45 -0.36 3.22
CA LEU A 19 2.17 -1.07 3.29
C LEU A 19 1.71 -1.29 4.73
N ALA A 20 2.62 -1.11 5.69
CA ALA A 20 2.26 -1.16 7.09
C ALA A 20 1.10 -0.19 7.38
N GLU A 21 1.03 0.85 6.57
CA GLU A 21 -0.06 1.82 6.65
C GLU A 21 -1.42 1.13 6.47
N VAL A 22 -1.52 0.27 5.45
CA VAL A 22 -2.77 -0.39 5.13
C VAL A 22 -3.09 -1.44 6.19
N ALA A 23 -2.05 -2.00 6.78
CA ALA A 23 -2.21 -2.99 7.84
C ALA A 23 -3.14 -2.47 8.94
N LYS A 24 -3.13 -1.17 9.13
CA LYS A 24 -3.98 -0.51 10.12
C LYS A 24 -5.46 -0.58 9.71
N VAL A 25 -5.73 -0.39 8.41
CA VAL A 25 -7.10 -0.41 7.93
C VAL A 25 -7.56 -1.85 7.68
N LEU A 26 -6.61 -2.71 7.32
CA LEU A 26 -6.90 -4.13 7.12
C LEU A 26 -7.10 -4.85 8.45
N GLY A 27 -6.61 -4.24 9.52
CA GLY A 27 -6.69 -4.85 10.84
C GLY A 27 -5.75 -6.04 10.95
N VAL A 28 -4.68 -6.00 10.16
CA VAL A 28 -3.73 -7.09 10.10
C VAL A 28 -2.42 -6.66 10.77
N SER A 29 -1.49 -7.57 10.98
CA SER A 29 -0.32 -7.26 11.80
C SER A 29 0.72 -6.44 11.04
N ARG A 30 1.28 -7.01 9.99
CA ARG A 30 2.36 -6.37 9.25
C ARG A 30 2.28 -6.63 7.76
N VAL A 31 1.09 -6.49 7.19
CA VAL A 31 0.93 -6.65 5.75
C VAL A 31 1.76 -5.61 5.01
N SER A 32 2.73 -6.10 4.26
CA SER A 32 3.68 -5.25 3.58
C SER A 32 4.00 -5.82 2.20
N LYS A 33 5.28 -5.95 1.87
CA LYS A 33 5.72 -6.39 0.54
C LYS A 33 4.97 -7.63 0.05
N LYS A 34 4.58 -8.48 0.99
CA LYS A 34 3.88 -9.72 0.67
C LYS A 34 2.56 -9.44 -0.06
N ASP A 35 1.94 -8.31 0.26
CA ASP A 35 0.70 -7.90 -0.40
C ASP A 35 0.95 -7.56 -1.86
N VAL A 36 2.04 -6.85 -2.13
CA VAL A 36 2.42 -6.52 -3.50
C VAL A 36 2.77 -7.78 -4.27
N GLU A 37 3.50 -8.67 -3.60
CA GLU A 37 3.97 -9.90 -4.24
C GLU A 37 2.81 -10.81 -4.61
N GLU A 38 1.92 -11.08 -3.66
CA GLU A 38 0.86 -12.07 -3.88
C GLU A 38 -0.47 -11.44 -4.28
N GLY A 39 -0.53 -10.11 -4.24
CA GLY A 39 -1.75 -9.40 -4.59
C GLY A 39 -2.85 -9.63 -3.56
N LYS A 40 -2.48 -9.50 -2.28
CA LYS A 40 -3.37 -9.83 -1.18
C LYS A 40 -4.66 -9.00 -1.21
N TYR A 41 -4.52 -7.70 -1.01
CA TYR A 41 -5.66 -6.81 -0.88
C TYR A 41 -5.68 -5.77 -1.99
N ASP A 42 -6.67 -4.90 -1.93
CA ASP A 42 -6.84 -3.87 -2.95
C ASP A 42 -6.18 -2.58 -2.51
N VAL A 43 -4.86 -2.58 -2.53
CA VAL A 43 -4.10 -1.40 -2.20
C VAL A 43 -3.61 -0.74 -3.49
N VAL A 44 -3.42 0.56 -3.46
CA VAL A 44 -3.04 1.30 -4.66
C VAL A 44 -1.56 1.68 -4.63
N VAL A 45 -0.82 1.18 -5.61
CA VAL A 45 0.62 1.39 -5.69
C VAL A 45 0.98 2.22 -6.92
N GLU A 46 1.61 3.37 -6.70
CA GLU A 46 2.15 4.17 -7.80
C GLU A 46 3.30 5.03 -7.29
N GLU A 47 4.23 5.32 -8.18
CA GLU A 47 5.36 6.19 -7.85
C GLU A 47 4.87 7.60 -7.57
N ALA A 48 4.61 7.88 -6.29
CA ALA A 48 4.16 9.19 -5.82
C ALA A 48 2.75 9.55 -6.31
N ALA A 49 1.84 9.75 -5.34
CA ALA A 49 0.44 10.11 -5.61
C ALA A 49 -0.30 8.99 -6.33
N VAL A 50 -1.19 8.31 -5.62
CA VAL A 50 -1.92 7.20 -6.22
C VAL A 50 -3.44 7.39 -6.10
N SER A 51 -4.04 6.73 -5.10
CA SER A 51 -5.49 6.69 -4.90
C SER A 51 -6.21 5.91 -6.01
N LEU A 52 -5.61 5.86 -7.20
CA LEU A 52 -6.24 5.25 -8.37
C LEU A 52 -5.16 4.85 -9.38
N ALA A 53 -4.81 3.58 -9.36
CA ALA A 53 -3.76 3.02 -10.22
C ALA A 53 -3.58 1.55 -9.86
N ASP A 54 -3.74 1.30 -8.56
CA ASP A 54 -3.78 -0.04 -8.00
C ASP A 54 -2.40 -0.69 -7.92
N THR A 55 -1.77 -0.92 -9.05
CA THR A 55 -0.49 -1.63 -9.08
C THR A 55 0.31 -1.24 -10.33
CA MET A 1 6.46 -1.75 1.77
C MET A 1 7.29 -0.58 1.31
N ALA A 2 8.07 0.00 2.22
CA ALA A 2 8.91 1.15 1.90
C ALA A 2 10.02 0.76 0.92
N LYS A 3 9.97 1.35 -0.25
CA LYS A 3 10.95 1.10 -1.30
C LYS A 3 11.59 2.41 -1.73
N SER A 4 11.91 2.55 -3.01
CA SER A 4 12.44 3.80 -3.53
C SER A 4 11.34 4.85 -3.63
N ASN A 5 10.45 4.68 -4.62
CA ASN A 5 9.37 5.63 -4.84
C ASN A 5 8.01 4.93 -4.86
N ASN A 6 7.96 3.72 -4.32
CA ASN A 6 6.70 2.99 -4.23
C ASN A 6 5.85 3.55 -3.11
N VAL A 7 4.74 4.17 -3.47
CA VAL A 7 3.87 4.80 -2.49
C VAL A 7 2.50 4.14 -2.53
N TYR A 8 1.73 4.35 -1.47
CA TYR A 8 0.41 3.76 -1.38
C TYR A 8 -0.56 4.77 -0.81
N VAL A 9 -1.82 4.39 -0.79
CA VAL A 9 -2.85 5.18 -0.18
C VAL A 9 -3.56 4.31 0.86
N VAL A 10 -3.75 4.79 2.08
CA VAL A 10 -4.43 4.00 3.10
C VAL A 10 -5.92 3.90 2.79
N ASN A 11 -6.26 2.97 1.91
CA ASN A 11 -7.64 2.71 1.53
C ASN A 11 -8.39 3.98 1.14
N GLY A 12 -7.68 4.90 0.49
CA GLY A 12 -8.31 6.12 0.01
C GLY A 12 -8.14 7.30 0.95
N GLU A 13 -7.66 7.06 2.16
CA GLU A 13 -7.53 8.11 3.16
C GLU A 13 -6.13 8.71 3.17
N GLU A 14 -5.39 8.45 4.24
CA GLU A 14 -4.05 8.99 4.42
C GLU A 14 -3.09 8.31 3.46
N LYS A 15 -1.96 8.92 3.19
CA LYS A 15 -0.99 8.34 2.27
C LYS A 15 0.39 8.24 2.89
N VAL A 16 1.01 7.08 2.75
CA VAL A 16 2.36 6.83 3.24
C VAL A 16 3.13 6.09 2.14
N SER A 17 4.34 5.63 2.44
CA SER A 17 5.10 4.82 1.51
C SER A 17 5.48 3.49 2.13
N THR A 18 4.65 2.98 3.04
CA THR A 18 4.90 1.70 3.66
C THR A 18 3.58 0.99 3.94
N LEU A 19 3.50 -0.28 3.60
CA LEU A 19 2.23 -1.00 3.60
C LEU A 19 1.66 -1.18 5.00
N ALA A 20 2.50 -0.95 6.01
CA ALA A 20 2.02 -0.93 7.39
C ALA A 20 0.87 0.06 7.53
N GLU A 21 0.87 1.08 6.67
CA GLU A 21 -0.18 2.08 6.65
C GLU A 21 -1.54 1.43 6.40
N VAL A 22 -1.64 0.63 5.34
CA VAL A 22 -2.88 -0.04 5.00
C VAL A 22 -3.16 -1.18 5.97
N ALA A 23 -2.08 -1.80 6.46
CA ALA A 23 -2.18 -2.94 7.36
C ALA A 23 -3.05 -2.64 8.58
N LYS A 24 -3.01 -1.39 9.02
CA LYS A 24 -3.81 -0.97 10.16
C LYS A 24 -5.30 -1.14 9.87
N VAL A 25 -5.75 -0.58 8.76
CA VAL A 25 -7.16 -0.64 8.39
C VAL A 25 -7.54 -2.04 7.93
N LEU A 26 -6.58 -2.75 7.35
CA LEU A 26 -6.80 -4.13 6.91
C LEU A 26 -7.10 -5.04 8.09
N GLY A 27 -6.75 -4.58 9.28
CA GLY A 27 -6.96 -5.35 10.48
C GLY A 27 -5.96 -6.47 10.60
N VAL A 28 -4.77 -6.21 10.09
CA VAL A 28 -3.70 -7.19 10.09
C VAL A 28 -2.50 -6.62 10.83
N SER A 29 -1.45 -7.41 11.04
CA SER A 29 -0.35 -6.96 11.86
C SER A 29 0.65 -6.13 11.05
N ARG A 30 1.26 -6.76 10.06
CA ARG A 30 2.35 -6.14 9.33
C ARG A 30 2.32 -6.50 7.86
N VAL A 31 1.16 -6.40 7.24
CA VAL A 31 1.05 -6.69 5.82
C VAL A 31 1.98 -5.77 5.04
N SER A 32 2.90 -6.37 4.30
CA SER A 32 3.91 -5.63 3.60
C SER A 32 4.12 -6.15 2.18
N LYS A 33 5.37 -6.19 1.71
CA LYS A 33 5.66 -6.42 0.29
C LYS A 33 4.99 -7.69 -0.26
N LYS A 34 4.69 -8.66 0.61
CA LYS A 34 4.01 -9.87 0.19
C LYS A 34 2.66 -9.57 -0.46
N ASP A 35 2.00 -8.54 0.06
CA ASP A 35 0.72 -8.09 -0.49
C ASP A 35 0.90 -7.59 -1.92
N VAL A 36 1.92 -6.77 -2.11
CA VAL A 36 2.20 -6.20 -3.41
C VAL A 36 2.59 -7.30 -4.41
N GLU A 37 3.33 -8.29 -3.92
CA GLU A 37 3.88 -9.33 -4.79
C GLU A 37 2.81 -10.38 -5.17
N GLU A 38 1.76 -10.49 -4.36
CA GLU A 38 0.75 -11.51 -4.63
C GLU A 38 -0.65 -10.93 -4.87
N GLY A 39 -0.89 -9.73 -4.36
CA GLY A 39 -2.20 -9.12 -4.47
C GLY A 39 -3.10 -9.53 -3.31
N LYS A 40 -2.58 -9.45 -2.10
CA LYS A 40 -3.30 -9.88 -0.91
C LYS A 40 -4.59 -9.08 -0.72
N TYR A 41 -4.48 -7.77 -0.76
CA TYR A 41 -5.63 -6.89 -0.60
C TYR A 41 -5.69 -5.87 -1.73
N ASP A 42 -6.75 -5.08 -1.74
CA ASP A 42 -6.93 -4.05 -2.75
C ASP A 42 -6.19 -2.80 -2.35
N VAL A 43 -4.87 -2.85 -2.45
CA VAL A 43 -4.02 -1.71 -2.13
C VAL A 43 -3.52 -1.09 -3.42
N VAL A 44 -3.30 0.21 -3.43
CA VAL A 44 -2.92 0.91 -4.64
C VAL A 44 -1.43 1.24 -4.65
N VAL A 45 -0.70 0.55 -5.53
CA VAL A 45 0.75 0.70 -5.61
C VAL A 45 1.14 1.40 -6.91
N GLU A 46 1.64 2.62 -6.79
CA GLU A 46 2.15 3.36 -7.94
C GLU A 46 3.20 4.35 -7.49
N GLU A 47 4.16 4.65 -8.36
CA GLU A 47 5.23 5.60 -8.07
C GLU A 47 4.69 7.00 -7.80
N ALA A 48 4.28 7.21 -6.55
CA ALA A 48 3.74 8.49 -6.06
C ALA A 48 2.44 8.89 -6.76
N ALA A 49 1.47 9.33 -5.95
CA ALA A 49 0.14 9.69 -6.42
C ALA A 49 -0.57 8.51 -7.07
N VAL A 50 -1.25 7.71 -6.27
CA VAL A 50 -1.93 6.54 -6.77
C VAL A 50 -3.46 6.76 -6.79
N SER A 51 -4.20 5.81 -6.22
CA SER A 51 -5.66 5.86 -6.15
C SER A 51 -6.29 5.65 -7.53
N LEU A 52 -5.46 5.43 -8.54
CA LEU A 52 -5.93 5.28 -9.92
C LEU A 52 -5.14 4.18 -10.62
N ALA A 53 -4.98 3.05 -9.93
CA ALA A 53 -4.18 1.95 -10.46
C ALA A 53 -4.57 0.62 -9.82
N ASP A 54 -4.31 0.51 -8.52
CA ASP A 54 -4.61 -0.69 -7.73
C ASP A 54 -3.69 -1.86 -8.09
N THR A 55 -2.93 -2.31 -7.09
CA THR A 55 -1.97 -3.40 -7.25
C THR A 55 -0.95 -3.08 -8.35
CA MET A 1 7.00 -1.26 1.08
C MET A 1 7.47 -0.12 0.18
N ALA A 2 8.34 0.73 0.71
CA ALA A 2 8.88 1.85 -0.07
C ALA A 2 9.86 1.34 -1.12
N LYS A 3 9.33 0.88 -2.24
CA LYS A 3 10.16 0.39 -3.34
C LYS A 3 10.77 1.58 -4.07
N SER A 4 11.91 2.06 -3.57
CA SER A 4 12.59 3.24 -4.12
C SER A 4 11.76 4.50 -3.89
N ASN A 5 10.64 4.61 -4.60
CA ASN A 5 9.72 5.74 -4.42
C ASN A 5 8.27 5.27 -4.57
N ASN A 6 8.06 3.95 -4.50
CA ASN A 6 6.72 3.40 -4.55
C ASN A 6 5.95 3.73 -3.27
N VAL A 7 4.85 4.42 -3.45
CA VAL A 7 4.03 4.87 -2.33
C VAL A 7 2.63 4.27 -2.49
N TYR A 8 1.83 4.33 -1.43
CA TYR A 8 0.50 3.74 -1.44
C TYR A 8 -0.52 4.70 -0.84
N VAL A 9 -1.78 4.32 -0.93
CA VAL A 9 -2.86 5.03 -0.26
C VAL A 9 -3.47 4.12 0.81
N VAL A 10 -3.68 4.64 2.00
CA VAL A 10 -4.28 3.85 3.06
C VAL A 10 -5.78 3.65 2.81
N ASN A 11 -6.11 2.68 1.96
CA ASN A 11 -7.50 2.36 1.64
C ASN A 11 -8.30 3.59 1.24
N GLY A 12 -7.66 4.51 0.54
CA GLY A 12 -8.34 5.71 0.07
C GLY A 12 -8.14 6.90 0.99
N GLU A 13 -7.44 6.71 2.11
CA GLU A 13 -7.21 7.80 3.07
C GLU A 13 -5.91 8.56 2.74
N GLU A 14 -4.92 8.42 3.63
CA GLU A 14 -3.66 9.14 3.50
C GLU A 14 -2.70 8.36 2.60
N LYS A 15 -1.64 9.02 2.13
CA LYS A 15 -0.63 8.36 1.32
C LYS A 15 0.65 8.14 2.12
N VAL A 16 1.01 6.89 2.31
CA VAL A 16 2.23 6.52 3.00
C VAL A 16 3.08 5.66 2.06
N SER A 17 4.37 5.57 2.31
CA SER A 17 5.24 4.79 1.45
C SER A 17 5.52 3.39 2.02
N THR A 18 4.63 2.88 2.86
CA THR A 18 4.81 1.56 3.45
C THR A 18 3.47 0.94 3.80
N LEU A 19 3.30 -0.32 3.43
CA LEU A 19 2.00 -0.99 3.51
C LEU A 19 1.52 -1.20 4.94
N ALA A 20 2.41 -1.01 5.90
CA ALA A 20 2.02 -1.01 7.31
C ALA A 20 0.87 -0.02 7.51
N GLU A 21 0.82 1.00 6.65
CA GLU A 21 -0.27 1.95 6.63
C GLU A 21 -1.61 1.25 6.43
N VAL A 22 -1.71 0.42 5.39
CA VAL A 22 -2.95 -0.28 5.07
C VAL A 22 -3.19 -1.39 6.08
N ALA A 23 -2.10 -1.96 6.59
CA ALA A 23 -2.17 -3.07 7.53
C ALA A 23 -3.04 -2.74 8.73
N LYS A 24 -3.00 -1.48 9.16
CA LYS A 24 -3.83 -1.04 10.28
C LYS A 24 -5.30 -1.14 9.92
N VAL A 25 -5.67 -0.62 8.76
CA VAL A 25 -7.06 -0.64 8.31
C VAL A 25 -7.50 -2.06 7.98
N LEU A 26 -6.58 -2.86 7.46
CA LEU A 26 -6.88 -4.25 7.13
C LEU A 26 -6.98 -5.12 8.37
N GLY A 27 -6.80 -4.50 9.55
CA GLY A 27 -6.92 -5.21 10.80
C GLY A 27 -5.88 -6.30 10.93
N VAL A 28 -4.76 -6.10 10.27
CA VAL A 28 -3.70 -7.10 10.24
C VAL A 28 -2.47 -6.54 10.94
N SER A 29 -1.41 -7.32 11.11
CA SER A 29 -0.30 -6.87 11.92
C SER A 29 0.72 -6.07 11.09
N ARG A 30 1.32 -6.71 10.10
CA ARG A 30 2.40 -6.10 9.35
C ARG A 30 2.35 -6.48 7.87
N VAL A 31 1.17 -6.40 7.28
CA VAL A 31 1.04 -6.67 5.85
C VAL A 31 1.89 -5.68 5.05
N SER A 32 2.79 -6.22 4.24
CA SER A 32 3.76 -5.39 3.54
C SER A 32 3.99 -5.89 2.11
N LYS A 33 5.26 -6.02 1.72
CA LYS A 33 5.63 -6.33 0.34
C LYS A 33 4.99 -7.62 -0.19
N LYS A 34 4.55 -8.49 0.71
CA LYS A 34 3.88 -9.72 0.29
C LYS A 34 2.54 -9.38 -0.37
N ASP A 35 1.89 -8.34 0.13
CA ASP A 35 0.64 -7.87 -0.46
C ASP A 35 0.86 -7.41 -1.88
N VAL A 36 1.92 -6.63 -2.08
CA VAL A 36 2.27 -6.12 -3.38
C VAL A 36 2.50 -7.27 -4.36
N GLU A 37 3.34 -8.22 -3.94
CA GLU A 37 3.74 -9.30 -4.81
C GLU A 37 2.60 -10.28 -5.08
N GLU A 38 1.89 -10.69 -4.04
CA GLU A 38 0.89 -11.76 -4.17
C GLU A 38 -0.50 -11.20 -4.46
N GLY A 39 -0.69 -9.90 -4.24
CA GLY A 39 -1.97 -9.27 -4.51
C GLY A 39 -2.99 -9.56 -3.42
N LYS A 40 -2.57 -9.46 -2.16
CA LYS A 40 -3.43 -9.78 -1.03
C LYS A 40 -4.69 -8.91 -1.02
N TYR A 41 -4.49 -7.60 -0.96
CA TYR A 41 -5.59 -6.66 -0.91
C TYR A 41 -5.50 -5.68 -2.08
N ASP A 42 -6.46 -4.76 -2.15
CA ASP A 42 -6.52 -3.80 -3.24
C ASP A 42 -5.80 -2.52 -2.85
N VAL A 43 -4.54 -2.41 -3.23
CA VAL A 43 -3.75 -1.23 -2.94
C VAL A 43 -3.12 -0.69 -4.22
N VAL A 44 -2.84 0.61 -4.25
CA VAL A 44 -2.27 1.24 -5.42
C VAL A 44 -0.79 1.54 -5.20
N VAL A 45 0.01 1.16 -6.20
CA VAL A 45 1.45 1.31 -6.12
C VAL A 45 1.97 2.12 -7.31
N GLU A 46 2.59 3.25 -7.02
CA GLU A 46 3.15 4.12 -8.06
C GLU A 46 4.31 4.91 -7.48
N GLU A 47 5.27 5.26 -8.34
CA GLU A 47 6.38 6.13 -7.95
C GLU A 47 5.86 7.52 -7.61
N ALA A 48 5.42 7.68 -6.36
CA ALA A 48 4.85 8.94 -5.84
C ALA A 48 3.50 9.27 -6.47
N ALA A 49 2.64 9.92 -5.69
CA ALA A 49 1.31 10.33 -6.14
C ALA A 49 0.47 9.14 -6.59
N VAL A 50 -0.08 8.42 -5.62
CA VAL A 50 -0.86 7.23 -5.91
C VAL A 50 -2.34 7.48 -5.71
N SER A 51 -3.15 6.72 -6.45
CA SER A 51 -4.61 6.81 -6.38
C SER A 51 -5.25 6.00 -7.51
N LEU A 52 -4.50 5.80 -8.60
CA LEU A 52 -5.08 5.23 -9.81
C LEU A 52 -4.01 4.46 -10.59
N ALA A 53 -3.97 3.16 -10.34
CA ALA A 53 -3.01 2.25 -10.95
C ALA A 53 -3.29 0.88 -10.39
N ASP A 54 -3.40 0.86 -9.07
CA ASP A 54 -3.97 -0.26 -8.32
C ASP A 54 -3.18 -1.56 -8.49
N THR A 55 -1.95 -1.44 -8.98
CA THR A 55 -1.09 -2.59 -9.17
C THR A 55 0.38 -2.16 -9.16
CA MET A 1 6.92 -1.99 1.16
C MET A 1 7.42 -0.56 1.24
N ALA A 2 8.35 -0.30 2.15
CA ALA A 2 8.94 1.02 2.27
C ALA A 2 9.95 1.27 1.15
N LYS A 3 9.43 1.67 0.01
CA LYS A 3 10.24 1.81 -1.19
C LYS A 3 11.00 3.13 -1.18
N SER A 4 11.73 3.41 -2.23
CA SER A 4 12.47 4.65 -2.34
C SER A 4 11.49 5.83 -2.40
N ASN A 5 10.59 5.78 -3.38
CA ASN A 5 9.61 6.84 -3.54
C ASN A 5 8.25 6.29 -3.97
N ASN A 6 8.15 4.96 -4.02
CA ASN A 6 6.85 4.33 -4.28
C ASN A 6 5.96 4.45 -3.05
N VAL A 7 4.75 4.94 -3.26
CA VAL A 7 3.85 5.27 -2.18
C VAL A 7 2.49 4.62 -2.41
N TYR A 8 1.74 4.41 -1.35
CA TYR A 8 0.45 3.76 -1.40
C TYR A 8 -0.61 4.68 -0.81
N VAL A 9 -1.86 4.25 -0.92
CA VAL A 9 -2.96 4.97 -0.29
C VAL A 9 -3.55 4.11 0.82
N VAL A 10 -3.67 4.67 2.02
CA VAL A 10 -4.23 3.93 3.15
C VAL A 10 -5.72 3.70 2.95
N ASN A 11 -6.05 2.68 2.16
CA ASN A 11 -7.43 2.29 1.89
C ASN A 11 -8.29 3.51 1.52
N GLY A 12 -7.74 4.38 0.69
CA GLY A 12 -8.48 5.54 0.21
C GLY A 12 -8.25 6.79 1.03
N GLU A 13 -7.53 6.68 2.15
CA GLU A 13 -7.29 7.81 3.03
C GLU A 13 -5.98 8.52 2.68
N GLU A 14 -4.99 8.41 3.56
CA GLU A 14 -3.73 9.12 3.43
C GLU A 14 -2.77 8.37 2.49
N LYS A 15 -1.73 9.06 2.02
CA LYS A 15 -0.69 8.43 1.23
C LYS A 15 0.55 8.18 2.08
N VAL A 16 0.98 6.92 2.15
CA VAL A 16 2.17 6.56 2.90
C VAL A 16 3.10 5.73 2.01
N SER A 17 4.40 5.78 2.27
CA SER A 17 5.37 5.03 1.50
C SER A 17 5.67 3.67 2.16
N THR A 18 4.70 3.09 2.86
CA THR A 18 4.88 1.79 3.50
C THR A 18 3.54 1.08 3.69
N LEU A 19 3.49 -0.20 3.35
CA LEU A 19 2.23 -0.95 3.30
C LEU A 19 1.67 -1.18 4.70
N ALA A 20 2.49 -0.98 5.71
CA ALA A 20 2.04 -1.01 7.10
C ALA A 20 0.86 -0.07 7.29
N GLU A 21 0.80 0.96 6.46
CA GLU A 21 -0.31 1.91 6.46
C GLU A 21 -1.65 1.18 6.29
N VAL A 22 -1.75 0.33 5.28
CA VAL A 22 -2.99 -0.37 5.00
C VAL A 22 -3.22 -1.45 6.04
N ALA A 23 -2.13 -2.01 6.56
CA ALA A 23 -2.19 -3.08 7.55
C ALA A 23 -3.05 -2.65 8.75
N LYS A 24 -2.94 -1.39 9.10
CA LYS A 24 -3.73 -0.83 10.20
C LYS A 24 -5.23 -0.90 9.89
N VAL A 25 -5.58 -0.55 8.66
CA VAL A 25 -6.98 -0.56 8.24
C VAL A 25 -7.47 -1.97 7.97
N LEU A 26 -6.56 -2.82 7.51
CA LEU A 26 -6.90 -4.22 7.21
C LEU A 26 -6.97 -5.06 8.46
N GLY A 27 -6.71 -4.43 9.62
CA GLY A 27 -6.79 -5.12 10.89
C GLY A 27 -5.79 -6.25 10.97
N VAL A 28 -4.71 -6.12 10.22
CA VAL A 28 -3.73 -7.17 10.10
C VAL A 28 -2.43 -6.73 10.78
N SER A 29 -1.49 -7.64 10.99
CA SER A 29 -0.34 -7.34 11.84
C SER A 29 0.68 -6.46 11.11
N ARG A 30 1.27 -7.00 10.06
CA ARG A 30 2.31 -6.30 9.34
C ARG A 30 2.27 -6.59 7.85
N VAL A 31 1.09 -6.49 7.25
CA VAL A 31 0.96 -6.71 5.83
C VAL A 31 1.84 -5.70 5.08
N SER A 32 2.82 -6.23 4.38
CA SER A 32 3.82 -5.42 3.73
C SER A 32 4.07 -5.89 2.30
N LYS A 33 5.35 -5.98 1.90
CA LYS A 33 5.71 -6.30 0.51
C LYS A 33 4.97 -7.53 0.00
N LYS A 34 4.65 -8.46 0.89
CA LYS A 34 3.99 -9.70 0.52
C LYS A 34 2.62 -9.42 -0.12
N ASP A 35 1.98 -8.33 0.28
CA ASP A 35 0.70 -7.93 -0.33
C ASP A 35 0.87 -7.69 -1.82
N VAL A 36 1.89 -6.92 -2.18
CA VAL A 36 2.19 -6.65 -3.58
C VAL A 36 2.58 -7.95 -4.29
N GLU A 37 3.30 -8.80 -3.57
CA GLU A 37 3.79 -10.07 -4.10
C GLU A 37 2.62 -11.00 -4.46
N GLU A 38 1.68 -11.16 -3.53
CA GLU A 38 0.61 -12.15 -3.71
C GLU A 38 -0.66 -11.51 -4.27
N GLY A 39 -0.79 -10.21 -4.07
CA GLY A 39 -2.02 -9.53 -4.45
C GLY A 39 -3.08 -9.67 -3.39
N LYS A 40 -2.68 -9.50 -2.13
CA LYS A 40 -3.57 -9.71 -1.00
C LYS A 40 -4.80 -8.83 -1.07
N TYR A 41 -4.59 -7.53 -1.03
CA TYR A 41 -5.69 -6.58 -0.99
C TYR A 41 -5.65 -5.66 -2.19
N ASP A 42 -6.62 -4.75 -2.27
CA ASP A 42 -6.72 -3.83 -3.39
C ASP A 42 -5.91 -2.57 -3.11
N VAL A 43 -4.60 -2.70 -3.17
CA VAL A 43 -3.72 -1.60 -2.90
C VAL A 43 -3.15 -1.04 -4.20
N VAL A 44 -2.97 0.27 -4.22
CA VAL A 44 -2.40 0.95 -5.38
C VAL A 44 -0.95 1.33 -5.09
N VAL A 45 -0.04 0.90 -5.96
CA VAL A 45 1.37 1.26 -5.82
C VAL A 45 1.81 2.16 -6.97
N GLU A 46 2.19 3.38 -6.64
CA GLU A 46 2.70 4.33 -7.63
C GLU A 46 3.65 5.32 -6.95
N GLU A 47 4.64 5.79 -7.72
CA GLU A 47 5.62 6.74 -7.21
C GLU A 47 4.97 8.04 -6.74
N ALA A 48 5.19 8.36 -5.46
CA ALA A 48 4.69 9.58 -4.82
C ALA A 48 3.16 9.63 -4.76
N ALA A 49 2.54 10.11 -5.84
CA ALA A 49 1.09 10.17 -5.90
C ALA A 49 0.54 8.84 -6.40
N VAL A 50 -0.48 8.34 -5.74
CA VAL A 50 -1.04 7.05 -6.12
C VAL A 50 -2.47 7.20 -6.62
N SER A 51 -3.23 6.11 -6.51
CA SER A 51 -4.61 6.04 -6.98
C SER A 51 -4.66 5.98 -8.50
N LEU A 52 -5.57 5.16 -9.03
CA LEU A 52 -5.74 5.00 -10.47
C LEU A 52 -4.44 4.51 -11.10
N ALA A 53 -4.04 3.32 -10.67
CA ALA A 53 -2.79 2.72 -11.09
C ALA A 53 -2.79 1.25 -10.72
N ASP A 54 -3.17 0.98 -9.48
CA ASP A 54 -3.39 -0.39 -9.02
C ASP A 54 -2.15 -1.26 -9.27
N THR A 55 -0.99 -0.70 -8.93
CA THR A 55 0.26 -1.43 -8.98
C THR A 55 0.62 -1.84 -10.41
CA MET A 1 6.87 -1.49 0.86
C MET A 1 7.31 -0.27 0.06
N ALA A 2 8.25 0.49 0.59
CA ALA A 2 8.80 1.63 -0.12
C ALA A 2 9.72 1.13 -1.23
N LYS A 3 9.11 0.71 -2.33
CA LYS A 3 9.84 0.16 -3.46
C LYS A 3 10.37 1.28 -4.33
N SER A 4 11.58 1.75 -4.01
CA SER A 4 12.23 2.84 -4.72
C SER A 4 11.47 4.15 -4.54
N ASN A 5 10.35 4.30 -5.24
CA ASN A 5 9.55 5.50 -5.16
C ASN A 5 8.06 5.17 -5.07
N ASN A 6 7.75 3.89 -4.90
CA ASN A 6 6.37 3.46 -4.78
C ASN A 6 5.79 3.86 -3.43
N VAL A 7 4.72 4.64 -3.49
CA VAL A 7 4.01 5.06 -2.29
C VAL A 7 2.61 4.47 -2.35
N TYR A 8 1.87 4.57 -1.25
CA TYR A 8 0.53 4.00 -1.22
C TYR A 8 -0.45 5.02 -0.63
N VAL A 9 -1.72 4.64 -0.67
CA VAL A 9 -2.77 5.38 0.00
C VAL A 9 -3.52 4.40 0.89
N VAL A 10 -3.72 4.73 2.16
CA VAL A 10 -4.44 3.86 3.08
C VAL A 10 -5.92 3.79 2.72
N ASN A 11 -6.22 2.93 1.75
CA ASN A 11 -7.60 2.69 1.29
C ASN A 11 -8.32 4.01 0.99
N GLY A 12 -7.60 4.96 0.40
CA GLY A 12 -8.19 6.21 -0.01
C GLY A 12 -8.10 7.30 1.05
N GLU A 13 -7.68 6.93 2.25
CA GLU A 13 -7.64 7.86 3.37
C GLU A 13 -6.22 8.39 3.60
N GLU A 14 -5.59 7.97 4.70
CA GLU A 14 -4.26 8.44 5.06
C GLU A 14 -3.24 8.00 4.03
N LYS A 15 -2.13 8.71 3.93
CA LYS A 15 -1.13 8.38 2.92
C LYS A 15 0.26 8.19 3.54
N VAL A 16 0.91 7.10 3.17
CA VAL A 16 2.28 6.80 3.61
C VAL A 16 3.01 6.15 2.42
N SER A 17 4.21 5.62 2.65
CA SER A 17 4.95 4.97 1.59
C SER A 17 5.36 3.55 1.98
N THR A 18 4.56 2.90 2.82
CA THR A 18 4.84 1.54 3.26
C THR A 18 3.55 0.86 3.71
N LEU A 19 3.37 -0.40 3.31
CA LEU A 19 2.08 -1.09 3.44
C LEU A 19 1.66 -1.29 4.90
N ALA A 20 2.57 -1.10 5.84
CA ALA A 20 2.21 -1.09 7.25
C ALA A 20 1.07 -0.11 7.50
N GLU A 21 1.00 0.92 6.64
CA GLU A 21 -0.07 1.91 6.69
C GLU A 21 -1.44 1.26 6.45
N VAL A 22 -1.54 0.43 5.41
CA VAL A 22 -2.79 -0.21 5.06
C VAL A 22 -3.13 -1.30 6.06
N ALA A 23 -2.09 -1.92 6.62
CA ALA A 23 -2.26 -2.98 7.61
C ALA A 23 -3.16 -2.54 8.76
N LYS A 24 -3.15 -1.24 9.04
CA LYS A 24 -4.02 -0.66 10.07
C LYS A 24 -5.49 -0.91 9.73
N VAL A 25 -5.87 -0.62 8.49
CA VAL A 25 -7.25 -0.76 8.05
C VAL A 25 -7.57 -2.23 7.74
N LEU A 26 -6.58 -2.96 7.22
CA LEU A 26 -6.79 -4.36 6.87
C LEU A 26 -6.84 -5.26 8.10
N GLY A 27 -6.81 -4.64 9.28
CA GLY A 27 -6.94 -5.37 10.53
C GLY A 27 -5.87 -6.42 10.70
N VAL A 28 -4.68 -6.11 10.21
CA VAL A 28 -3.59 -7.05 10.22
C VAL A 28 -2.36 -6.42 10.87
N SER A 29 -1.32 -7.18 11.12
CA SER A 29 -0.22 -6.68 11.91
C SER A 29 0.81 -5.93 11.06
N ARG A 30 1.41 -6.62 10.10
CA ARG A 30 2.49 -6.06 9.31
C ARG A 30 2.42 -6.51 7.86
N VAL A 31 1.24 -6.44 7.28
CA VAL A 31 1.10 -6.75 5.86
C VAL A 31 1.93 -5.78 5.04
N SER A 32 2.84 -6.33 4.26
CA SER A 32 3.83 -5.55 3.55
C SER A 32 4.02 -6.05 2.12
N LYS A 33 5.27 -6.13 1.67
CA LYS A 33 5.58 -6.46 0.28
C LYS A 33 4.91 -7.74 -0.20
N LYS A 34 4.58 -8.63 0.73
CA LYS A 34 3.90 -9.87 0.38
C LYS A 34 2.54 -9.60 -0.23
N ASP A 35 1.91 -8.50 0.20
CA ASP A 35 0.64 -8.07 -0.37
C ASP A 35 0.81 -7.69 -1.83
N VAL A 36 1.86 -6.93 -2.11
CA VAL A 36 2.16 -6.50 -3.46
C VAL A 36 2.48 -7.69 -4.37
N GLU A 37 3.32 -8.58 -3.88
CA GLU A 37 3.79 -9.69 -4.70
C GLU A 37 2.73 -10.80 -4.87
N GLU A 38 1.88 -10.98 -3.86
CA GLU A 38 0.87 -12.03 -3.93
C GLU A 38 -0.49 -11.50 -4.36
N GLY A 39 -0.71 -10.20 -4.14
CA GLY A 39 -1.98 -9.60 -4.49
C GLY A 39 -3.02 -9.80 -3.42
N LYS A 40 -2.64 -9.55 -2.16
CA LYS A 40 -3.51 -9.81 -1.02
C LYS A 40 -4.76 -8.94 -1.05
N TYR A 41 -4.59 -7.63 -0.92
CA TYR A 41 -5.72 -6.73 -0.78
C TYR A 41 -5.74 -5.68 -1.88
N ASP A 42 -6.79 -4.88 -1.88
CA ASP A 42 -6.93 -3.81 -2.85
C ASP A 42 -6.19 -2.57 -2.37
N VAL A 43 -4.93 -2.48 -2.72
CA VAL A 43 -4.12 -1.32 -2.39
C VAL A 43 -3.70 -0.61 -3.67
N VAL A 44 -3.50 0.69 -3.59
CA VAL A 44 -3.10 1.46 -4.75
C VAL A 44 -1.62 1.80 -4.67
N VAL A 45 -0.86 1.35 -5.67
CA VAL A 45 0.58 1.56 -5.68
C VAL A 45 0.99 2.43 -6.86
N GLU A 46 1.64 3.54 -6.56
CA GLU A 46 2.16 4.43 -7.59
C GLU A 46 3.35 5.18 -7.03
N GLU A 47 4.30 5.54 -7.90
CA GLU A 47 5.46 6.33 -7.50
C GLU A 47 5.03 7.74 -7.09
N ALA A 48 4.43 7.83 -5.91
CA ALA A 48 3.93 9.07 -5.33
C ALA A 48 2.70 9.57 -6.08
N ALA A 49 1.71 10.05 -5.31
CA ALA A 49 0.42 10.49 -5.85
C ALA A 49 -0.32 9.32 -6.49
N VAL A 50 -0.93 8.48 -5.66
CA VAL A 50 -1.62 7.30 -6.15
C VAL A 50 -3.12 7.56 -6.26
N SER A 51 -3.92 6.56 -5.88
CA SER A 51 -5.38 6.60 -6.00
C SER A 51 -5.79 6.67 -7.48
N LEU A 52 -4.81 6.50 -8.35
CA LEU A 52 -5.02 6.56 -9.80
C LEU A 52 -4.12 5.53 -10.47
N ALA A 53 -4.23 4.29 -10.03
CA ALA A 53 -3.39 3.20 -10.53
C ALA A 53 -3.96 1.85 -10.14
N ASP A 54 -3.94 1.57 -8.84
CA ASP A 54 -4.38 0.28 -8.27
C ASP A 54 -3.46 -0.85 -8.72
N THR A 55 -2.85 -1.52 -7.75
CA THR A 55 -1.95 -2.64 -8.01
C THR A 55 -0.74 -2.17 -8.83
#